data_6CG8
#
_entry.id   6CG8
#
_cell.length_a   95.913
_cell.length_b   35.579
_cell.length_c   115.559
_cell.angle_alpha   90.000
_cell.angle_beta   90.180
_cell.angle_gamma   90.000
#
_symmetry.space_group_name_H-M   'C 1 2 1'
#
loop_
_entity.id
_entity.type
_entity.pdbx_description
1 polymer 'UPF0335 protein B7Z12_12435'
2 polymer "DNA (5'-D(*TP*TP*AP*AP*AP*AP*TP*TP*AP*AP*A)-3')"
3 polymer "DNA (5'-D(*TP*TP*TP*AP*AP*TP*TP*TP*TP*AP*A)-3')"
4 water water
#
loop_
_entity_poly.entity_id
_entity_poly.type
_entity_poly.pdbx_seq_one_letter_code
_entity_poly.pdbx_strand_id
1 'polypeptide(L)' MNSTAQGQLKSIIERVERLEVEKAEIMEQIKEVYAEAKGNGFDVKVLKKVVRIRKQDRAKRQEEDAILDLYMSAIGEI A,B,D,E
2 'polydeoxyribonucleotide' (DT)(DT)(DA)(DA)(DA)(DA)(DT)(DT)(DA)(DA)(DA) C
3 'polydeoxyribonucleotide' (DT)(DT)(DT)(DA)(DA)(DT)(DT)(DT)(DT)(DA)(DA) F
#
# COMPACT_ATOMS: atom_id res chain seq x y z
N MET A 1 -34.40 2.88 -8.78
CA MET A 1 -34.42 2.07 -7.57
C MET A 1 -35.50 2.54 -6.62
N ASN A 2 -36.01 1.63 -5.79
CA ASN A 2 -37.08 1.95 -4.87
C ASN A 2 -36.72 3.06 -3.88
N SER A 3 -37.72 3.59 -3.20
CA SER A 3 -37.49 4.59 -2.16
C SER A 3 -36.82 3.94 -0.96
N THR A 4 -37.13 2.67 -0.74
CA THR A 4 -36.50 1.91 0.33
C THR A 4 -35.04 1.68 -0.01
N ALA A 5 -34.77 1.35 -1.27
CA ALA A 5 -33.40 1.18 -1.75
C ALA A 5 -32.63 2.49 -1.61
N GLN A 6 -33.31 3.59 -1.88
CA GLN A 6 -32.73 4.92 -1.72
C GLN A 6 -32.40 5.19 -0.26
N GLY A 7 -33.31 4.80 0.64
CA GLY A 7 -33.11 4.95 2.05
C GLY A 7 -31.95 4.12 2.56
N GLN A 8 -31.85 2.90 2.04
CA GLN A 8 -30.76 2.00 2.41
C GLN A 8 -29.41 2.61 2.03
N LEU A 9 -29.28 3.01 0.78
CA LEU A 9 -28.05 3.61 0.27
C LEU A 9 -27.62 4.82 1.11
N LYS A 10 -28.58 5.67 1.42
CA LYS A 10 -28.30 6.90 2.17
C LYS A 10 -27.67 6.59 3.52
N SER A 11 -28.29 5.66 4.26
CA SER A 11 -27.82 5.29 5.59
C SER A 11 -26.52 4.49 5.54
N ILE A 12 -26.39 3.65 4.52
CA ILE A 12 -25.17 2.87 4.33
C ILE A 12 -23.97 3.78 4.15
N ILE A 13 -24.11 4.77 3.28
CA ILE A 13 -23.04 5.72 3.03
C ILE A 13 -22.72 6.56 4.26
N GLU A 14 -23.77 7.03 4.93
CA GLU A 14 -23.61 7.86 6.12
C GLU A 14 -22.96 7.11 7.27
N ARG A 15 -23.30 5.84 7.42
CA ARG A 15 -22.72 5.01 8.47
C ARG A 15 -21.24 4.77 8.22
N VAL A 16 -20.88 4.44 6.97
CA VAL A 16 -19.49 4.23 6.60
C VAL A 16 -18.67 5.50 6.81
N GLU A 17 -19.20 6.62 6.35
CA GLU A 17 -18.49 7.90 6.42
C GLU A 17 -18.25 8.35 7.86
N ARG A 18 -19.18 8.02 8.75
CA ARG A 18 -19.01 8.35 10.17
C ARG A 18 -17.95 7.47 10.80
N LEU A 19 -17.90 6.21 10.39
CA LEU A 19 -16.88 5.28 10.86
C LEU A 19 -15.52 5.68 10.33
N GLU A 20 -15.49 6.19 9.10
CA GLU A 20 -14.25 6.68 8.50
C GLU A 20 -13.70 7.85 9.30
N VAL A 21 -14.58 8.75 9.73
CA VAL A 21 -14.20 9.90 10.54
C VAL A 21 -13.57 9.45 11.85
N GLU A 22 -14.13 8.41 12.44
CA GLU A 22 -13.62 7.86 13.69
C GLU A 22 -12.26 7.17 13.47
N LYS A 23 -12.18 6.37 12.42
CA LYS A 23 -10.94 5.67 12.09
C LYS A 23 -9.82 6.67 11.86
N ALA A 24 -10.11 7.71 11.08
CA ALA A 24 -9.13 8.75 10.81
C ALA A 24 -8.72 9.47 12.09
N GLU A 25 -9.65 9.58 13.03
CA GLU A 25 -9.38 10.23 14.31
C GLU A 25 -8.40 9.41 15.15
N ILE A 26 -8.55 8.10 15.11
CA ILE A 26 -7.64 7.22 15.82
C ILE A 26 -6.26 7.25 15.19
N MET A 27 -6.23 7.34 13.86
CA MET A 27 -4.97 7.37 13.13
C MET A 27 -4.12 8.59 13.49
N GLU A 28 -4.78 9.73 13.69
CA GLU A 28 -4.06 10.94 14.07
C GLU A 28 -3.64 10.89 15.53
N GLN A 29 -4.42 10.20 16.35
CA GLN A 29 -4.06 9.98 17.75
C GLN A 29 -2.80 9.13 17.85
N ILE A 30 -2.67 8.16 16.95
CA ILE A 30 -1.51 7.29 16.91
C ILE A 30 -0.27 8.06 16.46
N LYS A 31 -0.44 8.92 15.46
CA LYS A 31 0.66 9.75 14.98
C LYS A 31 1.10 10.73 16.05
N GLU A 32 0.16 11.15 16.89
CA GLU A 32 0.47 12.05 17.99
C GLU A 32 1.27 11.34 19.06
N VAL A 33 0.89 10.09 19.35
CA VAL A 33 1.63 9.28 20.32
C VAL A 33 3.07 9.11 19.87
N TYR A 34 3.26 8.82 18.59
CA TYR A 34 4.60 8.67 18.02
C TYR A 34 5.34 10.00 17.96
N ALA A 35 4.58 11.08 17.72
CA ALA A 35 5.16 12.41 17.67
C ALA A 35 5.73 12.79 19.04
N GLU A 36 4.97 12.48 20.09
CA GLU A 36 5.41 12.74 21.46
C GLU A 36 6.60 11.88 21.82
N ALA A 37 6.56 10.61 21.40
CA ALA A 37 7.66 9.69 21.65
C ALA A 37 8.95 10.19 21.01
N LYS A 38 8.84 10.72 19.80
CA LYS A 38 9.98 11.29 19.11
C LYS A 38 10.63 12.39 19.93
N GLY A 39 9.79 13.25 20.51
CA GLY A 39 10.27 14.33 21.35
C GLY A 39 10.98 13.82 22.59
N ASN A 40 10.62 12.61 23.01
CA ASN A 40 11.23 12.00 24.19
C ASN A 40 12.44 11.12 23.85
N GLY A 41 13.03 11.38 22.68
CA GLY A 41 14.26 10.70 22.29
C GLY A 41 14.08 9.28 21.78
N PHE A 42 12.83 8.87 21.57
CA PHE A 42 12.56 7.53 21.08
C PHE A 42 12.61 7.44 19.55
N ASP A 43 13.10 6.32 19.05
CA ASP A 43 13.18 6.09 17.61
C ASP A 43 11.82 5.62 17.09
N VAL A 44 11.11 6.51 16.39
CA VAL A 44 9.77 6.22 15.90
C VAL A 44 9.75 5.01 14.97
N LYS A 45 10.74 4.93 14.07
CA LYS A 45 10.81 3.83 13.13
C LYS A 45 10.90 2.49 13.85
N VAL A 46 11.76 2.42 14.86
CA VAL A 46 11.94 1.21 15.64
C VAL A 46 10.69 0.92 16.49
N LEU A 47 10.07 1.99 17.00
CA LEU A 47 8.85 1.86 17.78
C LEU A 47 7.77 1.13 16.99
N LYS A 48 7.56 1.57 15.75
CA LYS A 48 6.57 0.95 14.88
C LYS A 48 6.89 -0.52 14.62
N LYS A 49 8.17 -0.84 14.53
CA LYS A 49 8.58 -2.22 14.27
C LYS A 49 8.26 -3.10 15.47
N VAL A 50 8.45 -2.57 16.67
CA VAL A 50 8.11 -3.29 17.89
C VAL A 50 6.63 -3.66 17.90
N VAL A 51 5.79 -2.69 17.57
CA VAL A 51 4.34 -2.90 17.54
C VAL A 51 3.97 -4.01 16.55
N ARG A 52 4.49 -3.92 15.34
CA ARG A 52 4.20 -4.90 14.29
C ARG A 52 4.66 -6.29 14.75
N ILE A 53 5.86 -6.36 15.29
CA ILE A 53 6.41 -7.63 15.78
C ILE A 53 5.53 -8.25 16.86
N ARG A 54 5.03 -7.42 17.76
CA ARG A 54 4.18 -7.90 18.85
C ARG A 54 2.82 -8.36 18.37
N LYS A 55 2.51 -8.08 17.11
CA LYS A 55 1.24 -8.53 16.52
C LYS A 55 1.34 -9.97 16.03
N GLN A 56 2.57 -10.48 15.97
CA GLN A 56 2.80 -11.85 15.52
C GLN A 56 2.96 -12.80 16.70
N ASP A 57 2.68 -14.07 16.46
CA ASP A 57 2.84 -15.10 17.49
C ASP A 57 4.32 -15.33 17.80
N ARG A 58 4.66 -15.25 19.07
CA ARG A 58 6.05 -15.43 19.52
C ARG A 58 6.68 -16.70 18.94
N ALA A 59 5.96 -17.80 19.02
CA ALA A 59 6.48 -19.09 18.56
C ALA A 59 6.84 -19.06 17.08
N LYS A 60 5.93 -18.55 16.25
CA LYS A 60 6.19 -18.45 14.81
C LYS A 60 7.27 -17.45 14.46
N ARG A 61 7.29 -16.33 15.18
CA ARG A 61 8.28 -15.28 14.95
C ARG A 61 9.70 -15.83 15.15
N GLN A 62 9.89 -16.54 16.25
CA GLN A 62 11.19 -17.13 16.56
C GLN A 62 11.59 -18.14 15.49
N GLU A 63 10.61 -18.83 14.94
CA GLU A 63 10.86 -19.83 13.90
C GLU A 63 11.36 -19.18 12.62
N GLU A 64 10.62 -18.18 12.15
CA GLU A 64 11.00 -17.44 10.95
C GLU A 64 12.37 -16.79 11.13
N ASP A 65 12.61 -16.26 12.32
CA ASP A 65 13.89 -15.63 12.63
C ASP A 65 15.03 -16.65 12.59
N ALA A 66 14.72 -17.88 12.98
CA ALA A 66 15.71 -18.96 12.94
C ALA A 66 16.09 -19.29 11.50
N ILE A 67 15.08 -19.44 10.65
CA ILE A 67 15.31 -19.71 9.24
C ILE A 67 16.09 -18.56 8.61
N LEU A 68 15.75 -17.34 9.00
CA LEU A 68 16.43 -16.15 8.49
C LEU A 68 17.92 -16.21 8.79
N ASP A 69 18.25 -16.59 10.03
CA ASP A 69 19.65 -16.72 10.43
C ASP A 69 20.37 -17.77 9.58
N LEU A 70 19.67 -18.85 9.25
CA LEU A 70 20.24 -19.92 8.45
C LEU A 70 20.52 -19.46 7.02
N TYR A 71 19.56 -18.76 6.43
CA TYR A 71 19.71 -18.25 5.07
C TYR A 71 20.87 -17.27 4.98
N MET A 72 20.84 -16.25 5.84
CA MET A 72 21.86 -15.22 5.86
C MET A 72 23.26 -15.81 5.98
N SER A 73 23.44 -16.71 6.95
CA SER A 73 24.72 -17.37 7.17
C SER A 73 25.16 -18.15 5.94
N ALA A 74 24.20 -18.83 5.31
CA ALA A 74 24.50 -19.65 4.13
C ALA A 74 25.08 -18.81 3.00
N ILE A 75 24.52 -17.62 2.79
CA ILE A 75 24.99 -16.73 1.74
C ILE A 75 26.05 -15.78 2.26
N GLY A 76 26.45 -15.96 3.51
CA GLY A 76 27.45 -15.11 4.13
C GLY A 76 26.85 -13.86 4.75
N GLU A 77 26.45 -13.97 6.01
CA GLU A 77 25.88 -12.84 6.74
C GLU A 77 25.75 -13.17 8.23
N MET B 1 19.35 1.38 29.17
CA MET B 1 18.68 2.66 29.35
C MET B 1 18.17 2.83 30.78
N ASN B 2 17.59 4.00 31.07
CA ASN B 2 17.09 4.30 32.41
C ASN B 2 15.84 3.51 32.77
N SER B 3 15.51 3.50 34.07
CA SER B 3 14.32 2.83 34.54
C SER B 3 13.06 3.59 34.14
N THR B 4 13.13 4.91 34.23
CA THR B 4 12.02 5.77 33.84
C THR B 4 11.81 5.71 32.33
N ALA B 5 12.91 5.75 31.59
CA ALA B 5 12.85 5.66 30.13
C ALA B 5 12.19 4.35 29.72
N GLN B 6 12.51 3.29 30.44
CA GLN B 6 11.90 1.98 30.21
C GLN B 6 10.40 2.05 30.45
N GLY B 7 10.00 2.88 31.41
CA GLY B 7 8.60 3.07 31.72
C GLY B 7 7.85 3.78 30.61
N GLN B 8 8.46 4.83 30.06
CA GLN B 8 7.86 5.55 28.95
C GLN B 8 7.68 4.66 27.74
N LEU B 9 8.71 3.88 27.42
CA LEU B 9 8.67 2.97 26.28
C LEU B 9 7.48 2.02 26.41
N LYS B 10 7.30 1.46 27.59
CA LYS B 10 6.24 0.50 27.84
C LYS B 10 4.86 1.14 27.72
N SER B 11 4.74 2.37 28.22
CA SER B 11 3.47 3.09 28.14
C SER B 11 3.13 3.44 26.70
N ILE B 12 4.14 3.90 25.96
CA ILE B 12 3.96 4.26 24.56
C ILE B 12 3.46 3.06 23.75
N ILE B 13 4.13 1.93 23.93
CA ILE B 13 3.77 0.70 23.23
C ILE B 13 2.32 0.29 23.54
N GLU B 14 2.00 0.26 24.83
CA GLU B 14 0.66 -0.13 25.26
C GLU B 14 -0.40 0.84 24.75
N ARG B 15 -0.07 2.12 24.71
CA ARG B 15 -0.99 3.15 24.23
C ARG B 15 -1.31 2.96 22.75
N VAL B 16 -0.26 2.79 21.94
CA VAL B 16 -0.44 2.56 20.51
C VAL B 16 -1.27 1.31 20.27
N GLU B 17 -0.96 0.25 21.00
CA GLU B 17 -1.64 -1.04 20.83
C GLU B 17 -3.13 -0.95 21.17
N ARG B 18 -3.47 -0.14 22.17
CA ARG B 18 -4.88 0.08 22.52
C ARG B 18 -5.60 0.82 21.40
N LEU B 19 -4.90 1.79 20.80
CA LEU B 19 -5.47 2.57 19.71
C LEU B 19 -5.67 1.71 18.46
N GLU B 20 -4.74 0.80 18.22
CA GLU B 20 -4.81 -0.07 17.05
C GLU B 20 -5.87 -1.15 17.21
N VAL B 21 -6.21 -1.45 18.47
CA VAL B 21 -7.33 -2.36 18.75
C VAL B 21 -8.64 -1.66 18.41
N GLU B 22 -8.74 -0.38 18.77
CA GLU B 22 -9.91 0.41 18.45
C GLU B 22 -10.05 0.58 16.95
N LYS B 23 -8.93 0.81 16.27
CA LYS B 23 -8.93 0.96 14.82
C LYS B 23 -9.42 -0.32 14.16
N ALA B 24 -8.93 -1.45 14.65
CA ALA B 24 -9.32 -2.75 14.10
C ALA B 24 -10.82 -2.98 14.26
N GLU B 25 -11.38 -2.54 15.38
CA GLU B 25 -12.81 -2.66 15.63
C GLU B 25 -13.61 -1.84 14.63
N ILE B 26 -13.18 -0.60 14.40
CA ILE B 26 -13.84 0.27 13.44
C ILE B 26 -13.78 -0.30 12.03
N MET B 27 -12.63 -0.88 11.69
CA MET B 27 -12.47 -1.49 10.38
C MET B 27 -13.43 -2.66 10.20
N GLU B 28 -13.67 -3.40 11.28
CA GLU B 28 -14.60 -4.51 11.25
C GLU B 28 -16.04 -4.01 11.12
N GLN B 29 -16.33 -2.87 11.74
CA GLN B 29 -17.66 -2.27 11.66
C GLN B 29 -17.95 -1.78 10.25
N ILE B 30 -16.93 -1.27 9.58
CA ILE B 30 -17.07 -0.82 8.20
C ILE B 30 -17.35 -1.99 7.27
N LYS B 31 -16.64 -3.10 7.49
CA LYS B 31 -16.83 -4.30 6.68
C LYS B 31 -18.20 -4.92 6.93
N GLU B 32 -18.75 -4.68 8.11
CA GLU B 32 -20.08 -5.17 8.44
C GLU B 32 -21.16 -4.38 7.70
N VAL B 33 -20.94 -3.08 7.56
CA VAL B 33 -21.86 -2.22 6.84
C VAL B 33 -21.90 -2.63 5.36
N TYR B 34 -20.73 -2.85 4.79
CA TYR B 34 -20.62 -3.28 3.40
C TYR B 34 -21.20 -4.67 3.20
N ALA B 35 -21.08 -5.51 4.22
CA ALA B 35 -21.69 -6.84 4.18
C ALA B 35 -23.20 -6.71 4.11
N GLU B 36 -23.73 -5.81 4.93
CA GLU B 36 -25.16 -5.53 4.94
C GLU B 36 -25.60 -4.96 3.60
N ALA B 37 -24.81 -4.05 3.05
CA ALA B 37 -25.10 -3.44 1.76
C ALA B 37 -25.12 -4.49 0.65
N LYS B 38 -24.13 -5.38 0.67
CA LYS B 38 -24.06 -6.46 -0.30
C LYS B 38 -25.31 -7.33 -0.22
N GLY B 39 -25.78 -7.57 1.00
CA GLY B 39 -27.00 -8.33 1.21
C GLY B 39 -28.21 -7.60 0.66
N ASN B 40 -28.16 -6.28 0.65
CA ASN B 40 -29.24 -5.47 0.11
C ASN B 40 -29.23 -5.47 -1.42
N GLY B 41 -28.13 -5.92 -2.00
CA GLY B 41 -28.01 -6.01 -3.45
C GLY B 41 -27.16 -4.90 -4.05
N PHE B 42 -26.54 -4.10 -3.19
CA PHE B 42 -25.71 -2.99 -3.65
C PHE B 42 -24.33 -3.47 -4.09
N ASP B 43 -23.76 -2.76 -5.06
CA ASP B 43 -22.42 -3.07 -5.54
C ASP B 43 -21.38 -2.47 -4.59
N VAL B 44 -20.76 -3.34 -3.79
CA VAL B 44 -19.81 -2.90 -2.78
C VAL B 44 -18.65 -2.09 -3.37
N LYS B 45 -18.14 -2.55 -4.51
CA LYS B 45 -17.03 -1.86 -5.17
C LYS B 45 -17.39 -0.41 -5.49
N VAL B 46 -18.57 -0.21 -6.06
CA VAL B 46 -19.04 1.13 -6.41
C VAL B 46 -19.31 1.96 -5.16
N LEU B 47 -19.89 1.32 -4.15
CA LEU B 47 -20.17 2.00 -2.88
C LEU B 47 -18.90 2.58 -2.28
N LYS B 48 -17.82 1.82 -2.35
CA LYS B 48 -16.53 2.27 -1.82
C LYS B 48 -16.00 3.46 -2.61
N LYS B 49 -16.22 3.45 -3.92
CA LYS B 49 -15.79 4.58 -4.75
C LYS B 49 -16.63 5.81 -4.43
N VAL B 50 -17.91 5.61 -4.13
CA VAL B 50 -18.79 6.69 -3.72
C VAL B 50 -18.22 7.39 -2.50
N VAL B 51 -17.85 6.59 -1.50
CA VAL B 51 -17.24 7.12 -0.27
C VAL B 51 -15.94 7.84 -0.57
N ARG B 52 -15.08 7.22 -1.37
CA ARG B 52 -13.80 7.82 -1.73
C ARG B 52 -14.01 9.15 -2.46
N ILE B 53 -14.90 9.13 -3.45
CA ILE B 53 -15.21 10.32 -4.22
C ILE B 53 -15.66 11.47 -3.34
N ARG B 54 -16.51 11.17 -2.35
CA ARG B 54 -17.08 12.19 -1.49
C ARG B 54 -16.09 12.77 -0.50
N LYS B 55 -14.93 12.12 -0.36
CA LYS B 55 -13.91 12.59 0.58
C LYS B 55 -13.22 13.87 0.10
N GLN B 56 -13.15 14.05 -1.21
CA GLN B 56 -12.51 15.23 -1.78
C GLN B 56 -13.51 16.34 -2.04
N ASP B 57 -13.00 17.58 -2.08
CA ASP B 57 -13.85 18.74 -2.34
C ASP B 57 -14.58 18.59 -3.67
N ARG B 58 -15.87 18.87 -3.67
CA ARG B 58 -16.69 18.73 -4.86
C ARG B 58 -16.14 19.53 -6.03
N ALA B 59 -15.98 20.83 -5.83
CA ALA B 59 -15.50 21.72 -6.88
C ALA B 59 -14.19 21.21 -7.49
N LYS B 60 -13.24 20.85 -6.63
CA LYS B 60 -11.96 20.35 -7.09
C LYS B 60 -12.06 19.06 -7.91
N ARG B 61 -12.85 18.11 -7.40
CA ARG B 61 -13.01 16.83 -8.09
C ARG B 61 -13.64 17.02 -9.46
N GLN B 62 -14.72 17.80 -9.51
CA GLN B 62 -15.41 18.08 -10.77
C GLN B 62 -14.48 18.78 -11.76
N GLU B 63 -13.60 19.64 -11.23
CA GLU B 63 -12.60 20.29 -12.07
C GLU B 63 -11.67 19.23 -12.68
N GLU B 64 -11.20 18.33 -11.83
CA GLU B 64 -10.31 17.26 -12.27
C GLU B 64 -11.02 16.31 -13.24
N ASP B 65 -12.32 16.11 -13.02
CA ASP B 65 -13.12 15.31 -13.94
C ASP B 65 -13.13 15.94 -15.32
N ALA B 66 -13.22 17.27 -15.36
CA ALA B 66 -13.24 18.01 -16.61
C ALA B 66 -11.91 17.87 -17.35
N ILE B 67 -10.81 17.96 -16.61
CA ILE B 67 -9.48 17.78 -17.20
C ILE B 67 -9.34 16.38 -17.76
N LEU B 68 -9.84 15.40 -17.02
CA LEU B 68 -9.82 14.01 -17.45
C LEU B 68 -10.56 13.86 -18.78
N ASP B 69 -11.72 14.52 -18.88
CA ASP B 69 -12.51 14.48 -20.11
C ASP B 69 -11.76 15.14 -21.26
N LEU B 70 -10.99 16.19 -20.95
CA LEU B 70 -10.20 16.87 -21.95
C LEU B 70 -9.12 15.93 -22.49
N TYR B 71 -8.42 15.28 -21.56
CA TYR B 71 -7.36 14.35 -21.93
C TYR B 71 -7.91 13.16 -22.72
N MET B 72 -8.92 12.50 -22.16
CA MET B 72 -9.54 11.35 -22.81
C MET B 72 -10.03 11.72 -24.21
N SER B 73 -10.47 12.96 -24.36
CA SER B 73 -10.92 13.45 -25.66
C SER B 73 -9.74 13.63 -26.61
N ALA B 74 -8.64 14.18 -26.09
CA ALA B 74 -7.46 14.42 -26.89
C ALA B 74 -6.89 13.14 -27.48
N ILE B 75 -6.71 12.12 -26.64
CA ILE B 75 -6.14 10.85 -27.09
C ILE B 75 -7.19 9.98 -27.77
N GLY B 76 -8.39 10.51 -27.92
CA GLY B 76 -9.46 9.79 -28.59
C GLY B 76 -9.93 8.56 -27.84
N GLU B 77 -10.35 8.76 -26.60
CA GLU B 77 -10.86 7.66 -25.78
C GLU B 77 -12.07 8.10 -24.96
N MET C 1 22.53 -26.04 5.83
CA MET C 1 22.06 -26.70 4.62
C MET C 1 23.22 -27.20 3.76
N ASN C 2 22.89 -27.99 2.74
CA ASN C 2 23.91 -28.56 1.86
C ASN C 2 24.68 -27.49 1.08
N SER C 3 25.74 -27.92 0.41
CA SER C 3 26.52 -27.02 -0.43
C SER C 3 25.73 -26.67 -1.68
N THR C 4 24.93 -27.63 -2.15
CA THR C 4 24.06 -27.40 -3.29
C THR C 4 22.86 -26.55 -2.87
N ALA C 5 22.40 -26.78 -1.65
CA ALA C 5 21.29 -26.01 -1.10
C ALA C 5 21.63 -24.53 -1.03
N GLN C 6 22.76 -24.22 -0.42
CA GLN C 6 23.23 -22.84 -0.35
C GLN C 6 23.58 -22.32 -1.73
N GLY C 7 24.01 -23.21 -2.61
CA GLY C 7 24.30 -22.86 -3.99
C GLY C 7 23.05 -22.37 -4.70
N GLN C 8 21.93 -23.05 -4.43
CA GLN C 8 20.65 -22.66 -5.00
C GLN C 8 20.16 -21.35 -4.38
N LEU C 9 20.28 -21.25 -3.06
CA LEU C 9 19.87 -20.05 -2.35
C LEU C 9 20.57 -18.81 -2.90
N LYS C 10 21.87 -18.92 -3.11
CA LYS C 10 22.67 -17.82 -3.64
C LYS C 10 22.25 -17.47 -5.06
N SER C 11 21.73 -18.47 -5.78
CA SER C 11 21.24 -18.27 -7.14
C SER C 11 19.91 -17.53 -7.12
N ILE C 12 19.01 -17.95 -6.23
CA ILE C 12 17.71 -17.32 -6.09
C ILE C 12 17.86 -15.85 -5.73
N ILE C 13 18.67 -15.57 -4.71
CA ILE C 13 18.93 -14.20 -4.29
C ILE C 13 19.47 -13.37 -5.45
N GLU C 14 20.45 -13.92 -6.16
CA GLU C 14 21.06 -13.24 -7.29
C GLU C 14 20.03 -12.93 -8.38
N ARG C 15 19.15 -13.89 -8.65
CA ARG C 15 18.13 -13.72 -9.68
C ARG C 15 17.10 -12.66 -9.30
N VAL C 16 16.62 -12.72 -8.05
CA VAL C 16 15.65 -11.74 -7.58
C VAL C 16 16.22 -10.34 -7.60
N GLU C 17 17.46 -10.20 -7.10
CA GLU C 17 18.09 -8.90 -6.99
C GLU C 17 18.41 -8.26 -8.35
N ARG C 18 18.69 -9.09 -9.35
CA ARG C 18 18.91 -8.59 -10.70
C ARG C 18 17.60 -8.10 -11.32
N LEU C 19 16.52 -8.79 -11.01
CA LEU C 19 15.19 -8.40 -11.49
C LEU C 19 14.70 -7.15 -10.76
N GLU C 20 15.06 -7.03 -9.49
CA GLU C 20 14.70 -5.85 -8.70
C GLU C 20 15.37 -4.61 -9.27
N VAL C 21 16.63 -4.74 -9.66
CA VAL C 21 17.39 -3.65 -10.25
C VAL C 21 16.70 -3.16 -11.52
N GLU C 22 16.27 -4.10 -12.36
CA GLU C 22 15.59 -3.77 -13.60
C GLU C 22 14.23 -3.13 -13.33
N LYS C 23 13.52 -3.66 -12.35
CA LYS C 23 12.22 -3.11 -11.96
C LYS C 23 12.40 -1.68 -11.48
N ALA C 24 13.48 -1.44 -10.74
CA ALA C 24 13.77 -0.10 -10.23
C ALA C 24 14.08 0.86 -11.38
N GLU C 25 14.79 0.36 -12.38
CA GLU C 25 15.13 1.18 -13.54
C GLU C 25 13.87 1.59 -14.31
N ILE C 26 12.97 0.63 -14.50
CA ILE C 26 11.71 0.91 -15.19
C ILE C 26 10.88 1.93 -14.41
N MET C 27 10.79 1.73 -13.10
CA MET C 27 10.03 2.63 -12.24
C MET C 27 10.58 4.06 -12.29
N GLU C 28 11.89 4.17 -12.45
CA GLU C 28 12.52 5.48 -12.57
C GLU C 28 12.23 6.11 -13.92
N GLN C 29 12.19 5.28 -14.96
CA GLN C 29 11.87 5.74 -16.31
C GLN C 29 10.44 6.22 -16.38
N ILE C 30 9.54 5.57 -15.63
CA ILE C 30 8.14 5.95 -15.60
C ILE C 30 7.96 7.32 -14.95
N LYS C 31 8.72 7.57 -13.90
CA LYS C 31 8.68 8.85 -13.20
C LYS C 31 9.26 9.97 -14.07
N GLU C 32 10.22 9.62 -14.91
CA GLU C 32 10.83 10.58 -15.81
C GLU C 32 9.84 11.06 -16.87
N VAL C 33 8.97 10.15 -17.31
CA VAL C 33 7.93 10.49 -18.27
C VAL C 33 6.95 11.47 -17.67
N TYR C 34 6.58 11.24 -16.41
CA TYR C 34 5.65 12.11 -15.71
C TYR C 34 6.29 13.45 -15.35
N ALA C 35 7.57 13.42 -15.01
CA ALA C 35 8.31 14.64 -14.72
C ALA C 35 8.36 15.52 -15.96
N GLU C 36 8.65 14.91 -17.10
CA GLU C 36 8.69 15.62 -18.37
C GLU C 36 7.31 16.15 -18.74
N ALA C 37 6.29 15.33 -18.53
CA ALA C 37 4.92 15.71 -18.83
C ALA C 37 4.51 16.94 -18.00
N LYS C 38 4.84 16.90 -16.71
CA LYS C 38 4.56 18.01 -15.81
C LYS C 38 5.24 19.28 -16.31
N GLY C 39 6.49 19.15 -16.72
CA GLY C 39 7.24 20.28 -17.24
C GLY C 39 6.64 20.84 -18.51
N ASN C 40 5.85 20.02 -19.20
CA ASN C 40 5.20 20.44 -20.43
C ASN C 40 3.77 20.95 -20.21
N GLY C 41 3.39 21.07 -18.94
CA GLY C 41 2.11 21.65 -18.57
C GLY C 41 0.96 20.67 -18.47
N PHE C 42 1.27 19.39 -18.29
CA PHE C 42 0.24 18.37 -18.14
C PHE C 42 0.01 18.03 -16.67
N ASP C 43 -1.22 17.61 -16.36
CA ASP C 43 -1.58 17.23 -14.99
C ASP C 43 -1.23 15.77 -14.75
N VAL C 44 -0.16 15.53 -13.99
CA VAL C 44 0.31 14.19 -13.72
C VAL C 44 -0.75 13.32 -13.06
N LYS C 45 -1.51 13.91 -12.14
CA LYS C 45 -2.57 13.17 -11.45
C LYS C 45 -3.60 12.66 -12.44
N VAL C 46 -4.04 13.54 -13.34
CA VAL C 46 -5.01 13.16 -14.37
C VAL C 46 -4.40 12.16 -15.34
N LEU C 47 -3.12 12.36 -15.67
CA LEU C 47 -2.41 11.44 -16.56
C LEU C 47 -2.43 10.02 -16.00
N LYS C 48 -2.04 9.88 -14.74
CA LYS C 48 -2.05 8.58 -14.08
C LYS C 48 -3.46 7.98 -14.06
N LYS C 49 -4.45 8.86 -13.92
CA LYS C 49 -5.86 8.44 -13.98
C LYS C 49 -6.17 7.85 -15.35
N VAL C 50 -5.77 8.56 -16.40
CA VAL C 50 -5.98 8.09 -17.77
C VAL C 50 -5.39 6.70 -17.95
N VAL C 51 -4.15 6.52 -17.50
CA VAL C 51 -3.47 5.22 -17.60
C VAL C 51 -4.27 4.15 -16.89
N ARG C 52 -4.65 4.42 -15.65
CA ARG C 52 -5.46 3.48 -14.87
C ARG C 52 -6.72 3.06 -15.61
N ILE C 53 -7.43 4.05 -16.15
CA ILE C 53 -8.69 3.80 -16.85
C ILE C 53 -8.53 2.91 -18.06
N ARG C 54 -7.47 3.13 -18.84
CA ARG C 54 -7.25 2.39 -20.07
C ARG C 54 -6.87 0.94 -19.80
N LYS C 55 -6.63 0.61 -18.53
CA LYS C 55 -6.32 -0.76 -18.14
C LYS C 55 -7.61 -1.56 -17.94
N GLN C 56 -8.70 -0.84 -17.71
CA GLN C 56 -9.99 -1.47 -17.45
C GLN C 56 -10.71 -1.78 -18.75
N ASP C 57 -11.53 -2.82 -18.73
CA ASP C 57 -12.35 -3.17 -19.88
C ASP C 57 -13.40 -2.08 -20.14
N ARG C 58 -13.56 -1.71 -21.40
CA ARG C 58 -14.49 -0.64 -21.76
C ARG C 58 -15.89 -0.89 -21.22
N ALA C 59 -16.42 -2.09 -21.48
CA ALA C 59 -17.77 -2.45 -21.04
C ALA C 59 -17.94 -2.30 -19.54
N LYS C 60 -17.14 -3.03 -18.77
CA LYS C 60 -17.21 -2.98 -17.32
C LYS C 60 -17.07 -1.57 -16.78
N ARG C 61 -16.21 -0.78 -17.40
CA ARG C 61 -15.96 0.60 -16.98
C ARG C 61 -17.25 1.42 -16.96
N GLN C 62 -17.88 1.56 -18.13
CA GLN C 62 -19.11 2.34 -18.24
C GLN C 62 -20.22 1.69 -17.40
N GLU C 63 -20.09 0.39 -17.16
CA GLU C 63 -21.08 -0.34 -16.40
C GLU C 63 -21.01 0.05 -14.92
N GLU C 64 -19.79 0.17 -14.41
CA GLU C 64 -19.58 0.57 -13.02
C GLU C 64 -19.81 2.07 -12.84
N ASP C 65 -19.56 2.82 -13.91
CA ASP C 65 -19.77 4.26 -13.89
C ASP C 65 -21.27 4.58 -13.90
N ALA C 66 -22.04 3.70 -14.52
CA ALA C 66 -23.50 3.86 -14.55
C ALA C 66 -24.08 3.64 -13.16
N ILE C 67 -23.56 2.64 -12.46
CA ILE C 67 -23.96 2.38 -11.09
C ILE C 67 -23.53 3.53 -10.18
N LEU C 68 -22.34 4.05 -10.43
CA LEU C 68 -21.81 5.17 -9.67
C LEU C 68 -22.75 6.38 -9.76
N ASP C 69 -23.11 6.73 -11.00
CA ASP C 69 -24.01 7.85 -11.22
C ASP C 69 -25.36 7.63 -10.55
N LEU C 70 -25.83 6.38 -10.57
CA LEU C 70 -27.09 6.03 -9.95
C LEU C 70 -27.02 6.31 -8.45
N TYR C 71 -26.00 5.78 -7.80
CA TYR C 71 -25.80 5.97 -6.37
C TYR C 71 -25.62 7.44 -6.02
N MET C 72 -24.76 8.12 -6.77
CA MET C 72 -24.44 9.53 -6.50
C MET C 72 -25.67 10.43 -6.58
N SER C 73 -26.46 10.26 -7.64
CA SER C 73 -27.66 11.07 -7.82
C SER C 73 -28.71 10.74 -6.76
N ALA C 74 -28.68 9.51 -6.26
CA ALA C 74 -29.63 9.05 -5.26
C ALA C 74 -29.38 9.71 -3.91
N ILE C 75 -28.11 9.94 -3.60
CA ILE C 75 -27.73 10.53 -2.33
C ILE C 75 -27.41 12.02 -2.47
N GLY C 76 -27.21 12.46 -3.72
CA GLY C 76 -26.90 13.84 -4.00
C GLY C 76 -25.58 14.29 -3.42
N GLU C 77 -25.26 15.57 -3.60
CA GLU C 77 -24.01 16.12 -3.08
C GLU C 77 -24.03 17.65 -3.15
N MET D 1 -7.91 20.42 -27.00
CA MET D 1 -6.59 21.00 -27.11
C MET D 1 -6.07 20.94 -28.54
N ASN D 2 -4.94 21.60 -28.80
CA ASN D 2 -4.37 21.65 -30.13
C ASN D 2 -4.07 20.26 -30.69
N SER D 3 -3.93 20.18 -32.01
CA SER D 3 -3.57 18.93 -32.66
C SER D 3 -2.17 18.51 -32.21
N THR D 4 -1.33 19.49 -31.90
CA THR D 4 0.03 19.24 -31.43
C THR D 4 0.02 18.76 -29.98
N ALA D 5 -0.73 19.45 -29.13
CA ALA D 5 -0.87 19.05 -27.74
C ALA D 5 -1.40 17.63 -27.65
N GLN D 6 -2.29 17.29 -28.58
CA GLN D 6 -2.83 15.94 -28.68
C GLN D 6 -1.72 14.93 -28.95
N GLY D 7 -0.77 15.32 -29.79
CA GLY D 7 0.36 14.47 -30.13
C GLY D 7 1.26 14.20 -28.94
N GLN D 8 1.58 15.25 -28.18
CA GLN D 8 2.39 15.10 -26.98
C GLN D 8 1.72 14.18 -25.97
N LEU D 9 0.42 14.35 -25.79
CA LEU D 9 -0.33 13.55 -24.82
C LEU D 9 -0.31 12.08 -25.19
N LYS D 10 -0.60 11.78 -26.45
CA LYS D 10 -0.61 10.39 -26.92
C LYS D 10 0.75 9.73 -26.75
N SER D 11 1.81 10.44 -27.08
CA SER D 11 3.17 9.92 -26.96
C SER D 11 3.50 9.63 -25.49
N ILE D 12 3.05 10.52 -24.61
CA ILE D 12 3.27 10.33 -23.18
C ILE D 12 2.56 9.09 -22.67
N ILE D 13 1.29 8.93 -23.06
CA ILE D 13 0.50 7.78 -22.64
C ILE D 13 1.11 6.48 -23.17
N GLU D 14 1.56 6.50 -24.42
CA GLU D 14 2.19 5.33 -25.02
C GLU D 14 3.48 4.96 -24.28
N ARG D 15 4.24 5.97 -23.87
CA ARG D 15 5.50 5.74 -23.17
C ARG D 15 5.27 5.08 -21.81
N VAL D 16 4.29 5.59 -21.06
CA VAL D 16 3.99 5.04 -19.74
C VAL D 16 3.47 3.61 -19.84
N GLU D 17 2.55 3.37 -20.78
CA GLU D 17 1.92 2.07 -20.93
C GLU D 17 2.88 0.99 -21.38
N ARG D 18 3.83 1.33 -22.24
CA ARG D 18 4.84 0.38 -22.69
C ARG D 18 5.81 0.05 -21.56
N LEU D 19 6.05 1.03 -20.69
CA LEU D 19 6.93 0.84 -19.55
C LEU D 19 6.25 0.03 -18.44
N GLU D 20 4.94 0.17 -18.33
CA GLU D 20 4.18 -0.56 -17.32
C GLU D 20 4.00 -2.02 -17.72
N VAL D 21 3.91 -2.27 -19.02
CA VAL D 21 3.89 -3.63 -19.54
C VAL D 21 5.22 -4.31 -19.21
N GLU D 22 6.30 -3.55 -19.32
CA GLU D 22 7.64 -4.05 -19.00
C GLU D 22 7.76 -4.35 -17.51
N LYS D 23 7.15 -3.51 -16.68
CA LYS D 23 7.22 -3.69 -15.24
C LYS D 23 6.47 -4.94 -14.82
N ALA D 24 5.28 -5.13 -15.38
CA ALA D 24 4.46 -6.30 -15.09
C ALA D 24 5.20 -7.59 -15.44
N GLU D 25 5.91 -7.58 -16.55
CA GLU D 25 6.67 -8.74 -17.00
C GLU D 25 7.78 -9.08 -16.00
N ILE D 26 8.49 -8.06 -15.54
CA ILE D 26 9.56 -8.26 -14.57
C ILE D 26 9.02 -8.77 -13.24
N MET D 27 7.89 -8.20 -12.80
CA MET D 27 7.26 -8.63 -11.56
C MET D 27 6.80 -10.07 -11.66
N GLU D 28 6.40 -10.48 -12.86
CA GLU D 28 5.97 -11.85 -13.10
C GLU D 28 7.15 -12.80 -13.04
N GLN D 29 8.29 -12.34 -13.57
CA GLN D 29 9.52 -13.13 -13.56
C GLN D 29 10.03 -13.30 -12.14
N ILE D 30 9.92 -12.23 -11.34
CA ILE D 30 10.28 -12.29 -9.93
C ILE D 30 9.44 -13.34 -9.22
N LYS D 31 8.14 -13.33 -9.51
CA LYS D 31 7.21 -14.30 -8.93
C LYS D 31 7.62 -15.72 -9.32
N GLU D 32 8.06 -15.88 -10.56
CA GLU D 32 8.48 -17.18 -11.06
C GLU D 32 9.73 -17.69 -10.35
N VAL D 33 10.57 -16.75 -9.92
CA VAL D 33 11.77 -17.10 -9.17
C VAL D 33 11.40 -17.60 -7.78
N TYR D 34 10.43 -16.94 -7.15
CA TYR D 34 9.97 -17.31 -5.82
C TYR D 34 9.17 -18.61 -5.83
N ALA D 35 8.38 -18.82 -6.88
CA ALA D 35 7.58 -20.03 -7.01
C ALA D 35 8.48 -21.25 -7.20
N GLU D 36 9.53 -21.08 -8.01
CA GLU D 36 10.49 -22.15 -8.23
C GLU D 36 11.26 -22.45 -6.94
N ALA D 37 11.58 -21.39 -6.21
CA ALA D 37 12.26 -21.52 -4.93
C ALA D 37 11.37 -22.24 -3.91
N LYS D 38 10.11 -21.83 -3.86
CA LYS D 38 9.14 -22.43 -2.97
C LYS D 38 9.01 -23.93 -3.23
N GLY D 39 8.96 -24.29 -4.51
CA GLY D 39 8.85 -25.68 -4.90
C GLY D 39 10.07 -26.48 -4.51
N ASN D 40 11.15 -25.79 -4.14
CA ASN D 40 12.38 -26.43 -3.74
C ASN D 40 12.60 -26.44 -2.22
N GLY D 41 11.55 -26.10 -1.48
CA GLY D 41 11.58 -26.20 -0.03
C GLY D 41 11.99 -24.93 0.71
N PHE D 42 12.23 -23.86 -0.04
CA PHE D 42 12.63 -22.59 0.56
C PHE D 42 11.42 -21.82 1.08
N ASP D 43 11.62 -21.06 2.15
CA ASP D 43 10.55 -20.25 2.73
C ASP D 43 10.48 -18.91 2.00
N VAL D 44 9.43 -18.73 1.19
CA VAL D 44 9.27 -17.53 0.39
C VAL D 44 9.27 -16.26 1.22
N LYS D 45 8.51 -16.26 2.32
CA LYS D 45 8.42 -15.10 3.18
C LYS D 45 9.79 -14.67 3.70
N VAL D 46 10.61 -15.65 4.07
CA VAL D 46 11.95 -15.37 4.58
C VAL D 46 12.87 -14.89 3.47
N LEU D 47 12.74 -15.48 2.29
CA LEU D 47 13.54 -15.09 1.14
C LEU D 47 13.37 -13.61 0.84
N LYS D 48 12.13 -13.15 0.78
CA LYS D 48 11.83 -11.75 0.52
C LYS D 48 12.43 -10.86 1.59
N LYS D 49 12.42 -11.33 2.83
CA LYS D 49 13.00 -10.58 3.94
C LYS D 49 14.51 -10.45 3.76
N VAL D 50 15.14 -11.52 3.30
CA VAL D 50 16.58 -11.49 3.00
C VAL D 50 16.87 -10.44 1.94
N VAL D 51 16.10 -10.47 0.86
CA VAL D 51 16.23 -9.49 -0.21
C VAL D 51 16.05 -8.08 0.34
N ARG D 52 15.03 -7.90 1.18
CA ARG D 52 14.73 -6.61 1.77
C ARG D 52 15.91 -6.12 2.62
N ILE D 53 16.42 -7.02 3.45
CA ILE D 53 17.55 -6.70 4.33
C ILE D 53 18.78 -6.29 3.54
N ARG D 54 19.08 -7.03 2.47
CA ARG D 54 20.26 -6.78 1.66
C ARG D 54 20.19 -5.46 0.90
N LYS D 55 19.02 -4.83 0.92
CA LYS D 55 18.85 -3.53 0.28
C LYS D 55 19.36 -2.40 1.16
N GLN D 56 19.34 -2.63 2.47
CA GLN D 56 19.78 -1.62 3.43
C GLN D 56 21.28 -1.67 3.64
N ASP D 57 21.86 -0.52 3.94
CA ASP D 57 23.29 -0.43 4.26
C ASP D 57 23.55 -1.20 5.54
N ARG D 58 24.50 -2.13 5.49
CA ARG D 58 24.83 -2.96 6.64
C ARG D 58 24.91 -2.16 7.93
N ALA D 59 25.61 -1.03 7.88
CA ALA D 59 25.77 -0.17 9.06
C ALA D 59 24.43 0.22 9.67
N LYS D 60 23.53 0.73 8.82
CA LYS D 60 22.21 1.15 9.29
C LYS D 60 21.41 0.03 9.93
N ARG D 61 21.26 -1.08 9.21
CA ARG D 61 20.45 -2.19 9.67
C ARG D 61 20.99 -2.78 10.98
N GLN D 62 22.31 -2.81 11.11
CA GLN D 62 22.94 -3.35 12.32
C GLN D 62 22.64 -2.48 13.53
N GLU D 63 22.52 -1.17 13.31
CA GLU D 63 22.25 -0.24 14.41
C GLU D 63 20.76 -0.20 14.76
N GLU D 64 19.91 -0.23 13.72
CA GLU D 64 18.47 -0.29 13.94
C GLU D 64 18.09 -1.55 14.69
N ASP D 65 18.73 -2.66 14.32
CA ASP D 65 18.51 -3.94 14.99
C ASP D 65 18.95 -3.85 16.44
N ALA D 66 20.07 -3.17 16.67
CA ALA D 66 20.60 -2.98 18.02
C ALA D 66 19.61 -2.21 18.88
N ILE D 67 19.06 -1.14 18.31
CA ILE D 67 18.05 -0.34 19.00
C ILE D 67 16.80 -1.17 19.25
N LEU D 68 16.41 -1.96 18.26
CA LEU D 68 15.23 -2.82 18.37
C LEU D 68 15.35 -3.76 19.57
N ASP D 69 16.47 -4.47 19.65
CA ASP D 69 16.72 -5.38 20.77
C ASP D 69 16.67 -4.64 22.09
N LEU D 70 17.16 -3.41 22.09
CA LEU D 70 17.15 -2.58 23.30
C LEU D 70 15.73 -2.30 23.74
N TYR D 71 14.86 -1.96 22.78
CA TYR D 71 13.45 -1.70 23.07
C TYR D 71 12.74 -2.98 23.50
N MET D 72 12.91 -4.04 22.72
CA MET D 72 12.27 -5.32 23.00
C MET D 72 12.65 -5.83 24.39
N SER D 73 13.89 -5.57 24.80
CA SER D 73 14.37 -5.97 26.11
C SER D 73 13.76 -5.12 27.21
N ALA D 74 13.72 -3.81 26.98
CA ALA D 74 13.20 -2.86 27.95
C ALA D 74 11.77 -3.19 28.36
N ILE D 75 10.94 -3.53 27.37
CA ILE D 75 9.53 -3.82 27.63
C ILE D 75 9.32 -5.28 28.03
N GLY D 76 10.42 -5.99 28.25
CA GLY D 76 10.35 -7.37 28.68
C GLY D 76 9.88 -8.33 27.61
N GLU D 77 9.79 -7.84 26.38
CA GLU D 77 9.37 -8.67 25.26
C GLU D 77 10.37 -9.79 25.01
N ILE D 78 11.66 -9.46 25.14
CA ILE D 78 12.73 -10.45 25.01
C ILE D 78 13.63 -10.41 26.23
#